data_4ZO1
#
_entry.id   4ZO1
#
_cell.length_a   63.252
_cell.length_b   63.252
_cell.length_c   225.806
_cell.angle_alpha   90.000
_cell.angle_beta   90.000
_cell.angle_gamma   120.000
#
_symmetry.space_group_name_H-M   'P 31 2 1'
#
loop_
_entity.id
_entity.type
_entity.pdbx_description
1 polymer 'Thyroid hormone receptor beta'
2 polymer 'Nuclear receptor coactivator 2'
3 polymer 'Retinoic acid receptor RXR-alpha'
4 non-polymer "3,5,3'TRIIODOTHYRONINE"
#
loop_
_entity_poly.entity_id
_entity_poly.type
_entity_poly.pdbx_seq_one_letter_code
_entity_poly.pdbx_strand_id
1 'polypeptide(L)'
;HKPEPTDEEWELIKTVTEAHVATNAQGSHWKQKRKFLPEDIGQAPIVNAPEGGKVDLEAFSHFTKIITPAITRVVDFAKK
LPMFCELPCEDQIILLKGCCMEIMSLRAAVRYDPESETLTLNGEMAVTRGQLKNGGLGVVSDAIFDLGMSLSSFNLDDTE
VALLQAVLLMSSDRPGLACVERIEKYQDSFLLAFEHYINYRKHHVTHFWPKLLMKVTDLRMIGACHASRFLHMKVECPTE
LFPPLFLEVFED
;
X
2 'polypeptide(L)' KHKILHRLL A
3 'polypeptide(L)'
;PVERILEAELAVEPKTETYVEANMGLNPSSPNDPVTNICQAADKQLFTLVEWAKRIPHFSELPLDDQVILLRAGWNELLI
ASFSHRSIAVKDGILLATGLHVHRNSAHSAGVGAIFDRVLTELVSKMRDMQMDKTELGCLRAIVLFNPDSKGLSNPAEVE
ALREKVYASLEAYCKHKYPEQPGRFAKLLLRLPALRSIGLKCLEHLFFFKLIGDTPIDTFLMEML
;
B
#
loop_
_chem_comp.id
_chem_comp.type
_chem_comp.name
_chem_comp.formula
T3 non-polymer 3,5,3'TRIIODOTHYRONINE 'C15 H12 I3 N O4'
#
# COMPACT_ATOMS: atom_id res chain seq x y z
N HIS A 1 26.16 -5.23 -10.19
CA HIS A 1 26.61 -3.85 -10.14
C HIS A 1 25.45 -2.89 -9.87
N LYS A 2 25.71 -1.83 -9.12
CA LYS A 2 24.68 -0.85 -8.76
C LYS A 2 24.77 0.41 -9.62
N PRO A 3 23.90 0.52 -10.63
CA PRO A 3 23.89 1.65 -11.56
C PRO A 3 23.45 2.95 -10.90
N GLU A 4 24.39 3.86 -10.69
CA GLU A 4 24.07 5.17 -10.12
C GLU A 4 23.26 6.00 -11.13
N PRO A 5 22.49 6.96 -10.62
CA PRO A 5 21.59 7.80 -11.44
C PRO A 5 22.32 8.50 -12.58
N THR A 6 21.61 8.72 -13.69
CA THR A 6 22.18 9.41 -14.84
C THR A 6 21.94 10.91 -14.74
N ASP A 7 22.54 11.67 -15.66
CA ASP A 7 22.46 13.13 -15.63
C ASP A 7 21.03 13.63 -15.86
N GLU A 8 20.31 12.96 -16.75
CA GLU A 8 18.93 13.31 -17.04
C GLU A 8 18.06 13.02 -15.82
N GLU A 9 18.53 12.13 -14.96
CA GLU A 9 17.80 11.74 -13.77
C GLU A 9 18.05 12.70 -12.61
N TRP A 10 19.31 13.09 -12.42
CA TRP A 10 19.65 14.05 -11.38
C TRP A 10 18.82 15.33 -11.52
N GLU A 11 18.50 15.70 -12.76
CA GLU A 11 17.64 16.85 -13.00
C GLU A 11 16.27 16.66 -12.37
N LEU A 12 15.70 15.47 -12.58
CA LEU A 12 14.41 15.15 -12.00
C LEU A 12 14.53 15.05 -10.48
N ILE A 13 15.69 14.61 -10.01
CA ILE A 13 15.92 14.45 -8.58
C ILE A 13 15.88 15.79 -7.86
N LYS A 14 16.66 16.74 -8.37
CA LYS A 14 16.71 18.08 -7.80
C LYS A 14 15.35 18.76 -7.93
N THR A 15 14.63 18.42 -8.98
CA THR A 15 13.29 18.96 -9.20
C THR A 15 12.33 18.51 -8.10
N VAL A 16 12.18 17.19 -7.95
CA VAL A 16 11.28 16.63 -6.96
C VAL A 16 11.71 17.02 -5.55
N THR A 17 13.01 16.93 -5.28
CA THR A 17 13.53 17.28 -3.97
C THR A 17 13.13 18.69 -3.57
N GLU A 18 13.44 19.66 -4.44
CA GLU A 18 13.05 21.04 -4.21
C GLU A 18 11.55 21.14 -4.01
N ALA A 19 10.81 20.32 -4.75
CA ALA A 19 9.35 20.33 -4.71
C ALA A 19 8.84 19.95 -3.33
N HIS A 20 9.48 18.95 -2.73
CA HIS A 20 9.11 18.48 -1.41
C HIS A 20 9.53 19.50 -0.37
N VAL A 21 10.78 19.94 -0.48
CA VAL A 21 11.37 20.83 0.50
C VAL A 21 10.57 22.11 0.72
N ALA A 22 10.19 22.77 -0.38
CA ALA A 22 9.49 24.04 -0.28
C ALA A 22 8.09 23.85 0.30
N THR A 23 7.64 22.61 0.35
CA THR A 23 6.27 22.31 0.75
C THR A 23 6.13 21.58 2.08
N ASN A 24 7.25 21.08 2.62
CA ASN A 24 7.20 20.46 3.95
C ASN A 24 7.28 21.50 5.05
N ALA A 25 6.29 21.49 5.92
CA ALA A 25 6.18 22.51 6.97
C ALA A 25 7.37 22.53 7.92
N GLN A 26 7.70 23.72 8.41
CA GLN A 26 8.76 23.92 9.41
C GLN A 26 10.16 23.60 8.88
N GLY A 27 10.25 23.20 7.62
CA GLY A 27 11.52 22.89 7.00
C GLY A 27 12.34 21.89 7.79
N SER A 28 13.50 22.33 8.28
CA SER A 28 14.39 21.46 9.02
C SER A 28 14.46 21.86 10.50
N HIS A 29 13.66 22.85 10.88
CA HIS A 29 13.60 23.30 12.27
C HIS A 29 12.25 22.96 12.89
N TRP A 30 11.76 21.76 12.62
CA TRP A 30 10.45 21.31 13.10
C TRP A 30 10.48 20.86 14.56
N LYS A 31 11.62 20.30 14.98
CA LYS A 31 11.74 19.75 16.31
C LYS A 31 11.58 20.81 17.39
N GLN A 32 12.10 22.01 17.12
CA GLN A 32 12.07 23.09 18.09
C GLN A 32 10.78 23.91 18.01
N LYS A 33 10.14 23.88 16.84
CA LYS A 33 8.93 24.66 16.62
C LYS A 33 7.66 23.85 16.87
N ARG A 34 7.82 22.63 17.38
CA ARG A 34 6.69 21.77 17.67
C ARG A 34 6.15 22.01 19.08
N LYS A 35 4.84 21.91 19.24
CA LYS A 35 4.21 22.07 20.55
C LYS A 35 3.38 20.85 20.91
N PHE A 36 3.67 20.28 22.07
CA PHE A 36 2.96 19.10 22.54
C PHE A 36 1.50 19.42 22.87
N LEU A 37 0.58 18.77 22.17
CA LEU A 37 -0.85 18.92 22.44
C LEU A 37 -1.17 18.42 23.85
N PRO A 38 -1.90 19.23 24.64
CA PRO A 38 -2.23 18.93 26.04
C PRO A 38 -2.62 17.47 26.27
N GLU A 39 -2.00 16.85 27.27
CA GLU A 39 -2.25 15.44 27.56
C GLU A 39 -3.72 15.20 27.88
N ASP A 40 -4.40 16.26 28.32
CA ASP A 40 -5.83 16.17 28.64
C ASP A 40 -6.65 16.01 27.36
N ILE A 41 -6.26 16.71 26.31
CA ILE A 41 -6.95 16.62 25.03
C ILE A 41 -6.97 15.19 24.52
N GLY A 42 -8.18 14.66 24.29
CA GLY A 42 -8.33 13.31 23.80
C GLY A 42 -7.97 12.25 24.83
N GLN A 43 -8.95 11.84 25.63
CA GLN A 43 -8.72 10.86 26.69
C GLN A 43 -9.22 9.47 26.30
N ALA A 44 -8.86 8.47 27.10
CA ALA A 44 -9.29 7.10 26.85
C ALA A 44 -10.70 6.87 27.42
N VAL A 55 -15.10 9.62 19.24
CA VAL A 55 -14.45 10.69 18.49
C VAL A 55 -14.43 12.01 19.28
N ASP A 56 -13.40 12.19 20.09
CA ASP A 56 -13.25 13.40 20.90
C ASP A 56 -13.47 14.66 20.09
N LEU A 57 -14.58 15.34 20.35
CA LEU A 57 -14.92 16.56 19.63
C LEU A 57 -13.75 17.55 19.60
N GLU A 58 -13.13 17.76 20.76
CA GLU A 58 -12.03 18.71 20.88
C GLU A 58 -10.83 18.32 20.03
N ALA A 59 -10.32 17.11 20.23
CA ALA A 59 -9.19 16.62 19.44
C ALA A 59 -9.46 16.82 17.95
N PHE A 60 -10.59 16.27 17.49
CA PHE A 60 -10.96 16.33 16.07
C PHE A 60 -10.94 17.76 15.55
N SER A 61 -11.51 18.67 16.34
CA SER A 61 -11.63 20.07 15.95
C SER A 61 -10.27 20.72 15.76
N HIS A 62 -9.25 20.17 16.41
CA HIS A 62 -7.91 20.73 16.30
C HIS A 62 -7.19 20.16 15.09
N PHE A 63 -7.40 18.88 14.81
CA PHE A 63 -6.81 18.30 13.62
C PHE A 63 -7.41 18.99 12.41
N THR A 64 -8.73 19.07 12.36
CA THR A 64 -9.41 19.65 11.21
C THR A 64 -9.11 21.14 11.07
N LYS A 65 -8.74 21.78 12.16
CA LYS A 65 -8.45 23.21 12.15
C LYS A 65 -7.08 23.52 11.56
N ILE A 66 -6.28 22.47 11.34
CA ILE A 66 -4.95 22.64 10.78
C ILE A 66 -4.68 21.69 9.61
N ILE A 67 -5.74 21.05 9.12
CA ILE A 67 -5.59 20.03 8.09
C ILE A 67 -5.62 20.62 6.68
N THR A 68 -6.33 21.74 6.55
CA THR A 68 -6.48 22.39 5.25
C THR A 68 -5.16 22.92 4.68
N PRO A 69 -4.27 23.46 5.54
CA PRO A 69 -2.96 23.89 5.04
C PRO A 69 -2.14 22.70 4.56
N ALA A 70 -2.18 21.62 5.32
CA ALA A 70 -1.51 20.39 4.93
C ALA A 70 -1.95 20.00 3.53
N ILE A 71 -3.26 19.86 3.35
CA ILE A 71 -3.84 19.47 2.08
C ILE A 71 -3.31 20.33 0.94
N THR A 72 -3.39 21.64 1.13
CA THR A 72 -2.91 22.58 0.11
C THR A 72 -1.42 22.35 -0.14
N ARG A 73 -0.64 22.30 0.94
CA ARG A 73 0.79 22.09 0.83
C ARG A 73 1.10 20.84 -0.01
N VAL A 74 0.23 19.85 0.08
CA VAL A 74 0.37 18.65 -0.72
C VAL A 74 0.20 19.00 -2.21
N VAL A 75 -0.90 19.69 -2.52
CA VAL A 75 -1.19 20.13 -3.87
C VAL A 75 -0.05 20.96 -4.46
N ASP A 76 0.55 21.80 -3.63
CA ASP A 76 1.67 22.63 -4.06
C ASP A 76 2.83 21.77 -4.53
N PHE A 77 3.08 20.68 -3.81
CA PHE A 77 4.12 19.73 -4.18
C PHE A 77 3.87 19.18 -5.57
N ALA A 78 2.61 18.92 -5.88
CA ALA A 78 2.24 18.40 -7.19
C ALA A 78 2.54 19.42 -8.28
N LYS A 79 2.10 20.66 -8.07
CA LYS A 79 2.29 21.70 -9.07
C LYS A 79 3.75 21.99 -9.36
N LYS A 80 4.64 21.66 -8.42
CA LYS A 80 6.06 21.87 -8.62
C LYS A 80 6.68 20.69 -9.37
N LEU A 81 5.83 19.90 -10.00
CA LEU A 81 6.28 18.76 -10.79
C LEU A 81 5.77 18.89 -12.21
N PRO A 82 6.69 19.10 -13.16
CA PRO A 82 6.35 19.35 -14.57
C PRO A 82 5.44 18.27 -15.14
N MET A 83 5.83 17.01 -14.98
CA MET A 83 5.04 15.89 -15.50
C MET A 83 3.57 16.00 -15.07
N PHE A 84 3.36 16.19 -13.78
CA PHE A 84 2.02 16.36 -13.22
C PHE A 84 1.28 17.53 -13.85
N CYS A 85 2.03 18.57 -14.21
CA CYS A 85 1.44 19.73 -14.84
C CYS A 85 1.06 19.42 -16.29
N GLU A 86 1.49 18.27 -16.79
CA GLU A 86 1.19 17.87 -18.16
C GLU A 86 -0.09 17.05 -18.25
N LEU A 87 -0.70 16.78 -17.10
CA LEU A 87 -1.91 15.97 -17.04
C LEU A 87 -3.16 16.80 -17.23
N PRO A 88 -4.23 16.18 -17.74
CA PRO A 88 -5.52 16.86 -17.83
C PRO A 88 -6.05 17.18 -16.44
N CYS A 89 -6.84 18.25 -16.31
CA CYS A 89 -7.40 18.64 -15.02
C CYS A 89 -8.19 17.50 -14.37
N GLU A 90 -8.79 16.65 -15.21
CA GLU A 90 -9.57 15.52 -14.71
C GLU A 90 -8.70 14.55 -13.91
N ASP A 91 -7.64 14.05 -14.54
CA ASP A 91 -6.69 13.16 -13.87
C ASP A 91 -5.95 13.89 -12.76
N GLN A 92 -5.63 15.16 -13.01
CA GLN A 92 -4.95 16.00 -12.02
C GLN A 92 -5.66 15.97 -10.68
N ILE A 93 -6.98 16.10 -10.70
CA ILE A 93 -7.77 16.09 -9.48
C ILE A 93 -7.79 14.71 -8.84
N ILE A 94 -7.95 13.70 -9.68
CA ILE A 94 -8.07 12.33 -9.18
C ILE A 94 -6.81 11.88 -8.44
N LEU A 95 -5.66 12.12 -9.05
CA LEU A 95 -4.39 11.74 -8.45
C LEU A 95 -4.27 12.28 -7.03
N LEU A 96 -4.55 13.56 -6.87
CA LEU A 96 -4.51 14.20 -5.57
C LEU A 96 -5.46 13.51 -4.59
N LYS A 97 -6.75 13.53 -4.89
CA LYS A 97 -7.76 12.95 -4.01
C LYS A 97 -7.32 11.59 -3.47
N GLY A 98 -6.66 10.81 -4.32
CA GLY A 98 -6.18 9.50 -3.91
C GLY A 98 -5.01 9.56 -2.94
N CYS A 99 -3.85 9.96 -3.45
CA CYS A 99 -2.60 9.92 -2.68
C CYS A 99 -2.52 10.97 -1.56
N CYS A 100 -3.55 11.78 -1.42
CA CYS A 100 -3.53 12.86 -0.45
C CYS A 100 -3.22 12.36 0.96
N MET A 101 -4.09 11.51 1.48
CA MET A 101 -3.93 10.98 2.83
C MET A 101 -2.65 10.19 2.97
N GLU A 102 -2.25 9.50 1.91
CA GLU A 102 -1.03 8.72 1.92
C GLU A 102 0.19 9.60 2.14
N ILE A 103 0.33 10.65 1.33
CA ILE A 103 1.50 11.50 1.42
C ILE A 103 1.59 12.18 2.77
N MET A 104 0.48 12.77 3.22
CA MET A 104 0.42 13.39 4.54
C MET A 104 0.86 12.42 5.61
N SER A 105 0.38 11.19 5.50
CA SER A 105 0.75 10.13 6.42
C SER A 105 2.26 9.92 6.41
N LEU A 106 2.81 9.71 5.22
CA LEU A 106 4.24 9.60 5.05
C LEU A 106 4.93 10.74 5.79
N ARG A 107 4.61 11.96 5.34
CA ARG A 107 5.15 13.19 5.91
C ARG A 107 5.07 13.24 7.42
N ALA A 108 3.98 12.73 7.97
CA ALA A 108 3.81 12.71 9.40
C ALA A 108 4.67 11.61 10.00
N ALA A 109 4.65 10.45 9.36
CA ALA A 109 5.34 9.27 9.87
C ALA A 109 6.86 9.42 9.88
N VAL A 110 7.40 10.13 8.89
CA VAL A 110 8.82 10.36 8.82
C VAL A 110 9.23 11.37 9.89
N ARG A 111 8.24 11.93 10.57
CA ARG A 111 8.50 12.85 11.67
C ARG A 111 8.16 12.24 13.03
N TYR A 112 8.56 10.98 13.19
CA TYR A 112 8.36 10.27 14.46
C TYR A 112 9.58 10.45 15.37
N ASP A 113 9.31 10.74 16.64
CA ASP A 113 10.37 10.96 17.62
C ASP A 113 10.29 9.91 18.72
N PRO A 114 11.20 8.92 18.68
CA PRO A 114 11.26 7.83 19.66
C PRO A 114 11.30 8.33 21.09
N GLU A 115 12.06 9.38 21.34
CA GLU A 115 12.19 9.91 22.69
C GLU A 115 10.82 10.33 23.22
N SER A 116 9.97 10.84 22.34
CA SER A 116 8.66 11.37 22.74
C SER A 116 7.50 10.45 22.38
N GLU A 117 7.73 9.54 21.44
CA GLU A 117 6.68 8.66 20.93
C GLU A 117 5.50 9.47 20.40
N THR A 118 5.82 10.54 19.68
CA THR A 118 4.80 11.42 19.14
C THR A 118 5.08 11.77 17.69
N LEU A 119 4.01 12.12 16.97
CA LEU A 119 4.12 12.57 15.60
C LEU A 119 3.96 14.08 15.54
N THR A 120 4.51 14.68 14.51
CA THR A 120 4.45 16.12 14.34
C THR A 120 3.60 16.48 13.13
N LEU A 121 2.37 16.90 13.40
CA LEU A 121 1.44 17.31 12.36
C LEU A 121 1.75 18.75 11.93
N ASN A 122 1.84 18.96 10.62
CA ASN A 122 2.23 20.27 10.06
C ASN A 122 3.57 20.79 10.59
N GLY A 123 4.38 19.91 11.14
CA GLY A 123 5.68 20.29 11.67
C GLY A 123 5.62 21.22 12.89
N GLU A 124 4.50 21.17 13.61
CA GLU A 124 4.30 22.09 14.74
C GLU A 124 3.44 21.50 15.85
N MET A 125 2.70 20.44 15.52
CA MET A 125 1.80 19.83 16.47
C MET A 125 2.22 18.40 16.77
N ALA A 126 2.68 18.17 18.00
CA ALA A 126 3.05 16.83 18.41
C ALA A 126 1.85 16.15 19.07
N VAL A 127 1.53 14.95 18.59
CA VAL A 127 0.43 14.18 19.14
C VAL A 127 0.90 12.76 19.36
N THR A 128 0.24 12.05 20.26
CA THR A 128 0.60 10.66 20.54
C THR A 128 -0.32 9.70 19.82
N ARG A 129 0.04 8.42 19.86
CA ARG A 129 -0.77 7.37 19.27
C ARG A 129 -2.22 7.49 19.70
N GLY A 130 -2.43 7.61 21.01
CA GLY A 130 -3.77 7.69 21.56
C GLY A 130 -4.51 8.91 21.05
N GLN A 131 -3.86 10.06 21.15
CA GLN A 131 -4.45 11.31 20.74
C GLN A 131 -4.96 11.25 19.30
N LEU A 132 -4.10 10.81 18.40
CA LEU A 132 -4.45 10.72 16.99
C LEU A 132 -5.49 9.64 16.72
N LYS A 133 -5.56 8.66 17.62
CA LYS A 133 -6.54 7.59 17.51
C LYS A 133 -7.93 8.10 17.85
N ASN A 134 -8.04 8.81 18.97
CA ASN A 134 -9.31 9.38 19.42
C ASN A 134 -9.70 10.60 18.59
N GLY A 135 -8.80 11.03 17.72
CA GLY A 135 -9.02 12.22 16.91
C GLY A 135 -9.82 11.95 15.65
N GLY A 136 -10.20 10.71 15.44
CA GLY A 136 -11.03 10.34 14.30
C GLY A 136 -10.42 9.22 13.47
N LEU A 137 -9.10 9.17 13.45
CA LEU A 137 -8.40 8.13 12.71
C LEU A 137 -8.68 6.74 13.27
N GLY A 138 -8.73 6.65 14.59
CA GLY A 138 -8.93 5.37 15.25
C GLY A 138 -7.75 4.45 15.05
N VAL A 139 -8.00 3.31 14.40
CA VAL A 139 -6.97 2.30 14.21
C VAL A 139 -5.89 2.77 13.24
N VAL A 140 -6.30 3.59 12.28
CA VAL A 140 -5.36 4.20 11.34
C VAL A 140 -4.15 4.76 12.09
N SER A 141 -4.41 5.47 13.19
CA SER A 141 -3.35 6.02 14.02
C SER A 141 -2.24 5.02 14.29
N ASP A 142 -2.64 3.83 14.73
CA ASP A 142 -1.67 2.76 14.93
C ASP A 142 -0.89 2.53 13.64
N ALA A 143 -1.60 2.14 12.59
CA ALA A 143 -0.99 1.95 11.28
C ALA A 143 0.10 2.99 10.99
N ILE A 144 -0.18 4.23 11.34
CA ILE A 144 0.70 5.36 11.01
C ILE A 144 1.90 5.43 11.93
N PHE A 145 1.64 5.40 13.23
CA PHE A 145 2.72 5.40 14.20
C PHE A 145 3.63 4.24 13.92
N ASP A 146 3.05 3.05 13.81
CA ASP A 146 3.83 1.85 13.53
C ASP A 146 4.74 2.07 12.33
N LEU A 147 4.18 2.63 11.27
CA LEU A 147 4.96 2.99 10.09
C LEU A 147 6.12 3.91 10.45
N GLY A 148 5.80 5.04 11.09
CA GLY A 148 6.81 5.96 11.58
C GLY A 148 7.91 5.25 12.35
N MET A 149 7.51 4.35 13.25
CA MET A 149 8.47 3.52 13.99
C MET A 149 9.37 2.79 13.03
N SER A 150 8.75 2.17 12.02
CA SER A 150 9.49 1.40 11.03
C SER A 150 10.42 2.28 10.21
N LEU A 151 9.94 3.44 9.79
CA LEU A 151 10.77 4.36 9.02
C LEU A 151 11.94 4.91 9.83
N SER A 152 11.88 4.75 11.15
CA SER A 152 12.94 5.28 12.00
C SER A 152 14.30 4.73 11.58
N SER A 153 14.40 3.41 11.44
CA SER A 153 15.68 2.78 11.09
C SER A 153 16.09 3.04 9.63
N PHE A 154 15.13 3.41 8.79
CA PHE A 154 15.46 3.77 7.40
C PHE A 154 16.22 5.08 7.40
N ASN A 155 15.74 6.02 8.20
CA ASN A 155 16.30 7.37 8.24
C ASN A 155 16.38 7.97 6.85
N LEU A 156 15.22 8.18 6.25
CA LEU A 156 15.15 8.70 4.89
C LEU A 156 15.44 10.20 4.87
N ASP A 157 16.02 10.68 3.78
CA ASP A 157 16.28 12.10 3.62
C ASP A 157 15.19 12.71 2.73
N ASP A 158 15.15 14.04 2.68
CA ASP A 158 14.15 14.76 1.90
C ASP A 158 13.96 14.13 0.52
N THR A 159 15.07 13.87 -0.17
CA THR A 159 15.03 13.27 -1.50
C THR A 159 14.23 11.97 -1.52
N GLU A 160 14.68 11.00 -0.74
CA GLU A 160 14.07 9.68 -0.71
C GLU A 160 12.59 9.75 -0.32
N VAL A 161 12.25 10.72 0.53
CA VAL A 161 10.86 10.95 0.89
C VAL A 161 10.13 11.61 -0.27
N ALA A 162 10.75 12.61 -0.89
CA ALA A 162 10.16 13.28 -2.04
C ALA A 162 9.86 12.27 -3.16
N LEU A 163 10.78 11.35 -3.40
CA LEU A 163 10.60 10.35 -4.43
C LEU A 163 9.40 9.45 -4.14
N LEU A 164 9.24 9.05 -2.89
CA LEU A 164 8.10 8.24 -2.49
C LEU A 164 6.80 8.97 -2.75
N GLN A 165 6.72 10.21 -2.26
CA GLN A 165 5.57 11.05 -2.54
C GLN A 165 5.33 11.06 -4.04
N ALA A 166 6.40 11.30 -4.81
CA ALA A 166 6.34 11.34 -6.26
C ALA A 166 5.68 10.09 -6.83
N VAL A 167 6.16 8.93 -6.40
CA VAL A 167 5.63 7.65 -6.86
C VAL A 167 4.19 7.45 -6.43
N LEU A 168 3.90 7.83 -5.18
CA LEU A 168 2.55 7.75 -4.65
C LEU A 168 1.59 8.54 -5.51
N LEU A 169 2.01 9.73 -5.91
CA LEU A 169 1.17 10.58 -6.73
C LEU A 169 0.84 9.85 -8.02
N MET A 170 1.88 9.46 -8.75
CA MET A 170 1.76 8.82 -10.06
C MET A 170 1.26 7.38 -10.01
N SER A 171 0.14 7.16 -9.32
CA SER A 171 -0.44 5.83 -9.21
C SER A 171 -1.39 5.58 -10.37
N SER A 172 -0.96 4.74 -11.32
CA SER A 172 -1.71 4.52 -12.55
C SER A 172 -2.93 3.62 -12.36
N ASP A 173 -3.34 3.41 -11.11
CA ASP A 173 -4.46 2.53 -10.83
C ASP A 173 -5.58 3.22 -10.05
N ARG A 174 -5.51 4.55 -9.94
CA ARG A 174 -6.57 5.32 -9.33
C ARG A 174 -7.81 5.25 -10.23
N PRO A 175 -9.00 5.14 -9.63
CA PRO A 175 -10.26 5.00 -10.38
C PRO A 175 -10.63 6.27 -11.15
N GLY A 176 -10.89 6.13 -12.45
CA GLY A 176 -11.39 7.23 -13.25
C GLY A 176 -10.33 7.94 -14.06
N LEU A 177 -9.12 7.38 -14.09
CA LEU A 177 -8.01 7.99 -14.82
C LEU A 177 -8.17 7.85 -16.33
N ALA A 178 -7.64 8.82 -17.06
CA ALA A 178 -7.69 8.81 -18.52
C ALA A 178 -6.33 8.45 -19.10
N CYS A 179 -5.34 9.31 -18.87
CA CYS A 179 -4.00 9.10 -19.40
C CYS A 179 -3.22 8.09 -18.55
N VAL A 180 -3.78 6.90 -18.39
CA VAL A 180 -3.20 5.86 -17.56
C VAL A 180 -1.79 5.49 -17.97
N GLU A 181 -1.61 5.13 -19.24
CA GLU A 181 -0.31 4.73 -19.75
C GLU A 181 0.65 5.91 -19.69
N ARG A 182 0.11 7.12 -19.65
CA ARG A 182 0.91 8.33 -19.54
C ARG A 182 1.43 8.51 -18.11
N ILE A 183 0.54 8.31 -17.14
CA ILE A 183 0.90 8.43 -15.73
C ILE A 183 1.86 7.32 -15.33
N GLU A 184 1.57 6.11 -15.81
CA GLU A 184 2.41 4.96 -15.52
C GLU A 184 3.85 5.18 -15.97
N LYS A 185 4.02 5.81 -17.14
CA LYS A 185 5.35 6.11 -17.66
C LYS A 185 6.09 7.02 -16.68
N TYR A 186 5.41 8.05 -16.18
CA TYR A 186 5.99 8.96 -15.20
C TYR A 186 6.46 8.20 -13.97
N GLN A 187 5.56 7.42 -13.37
CA GLN A 187 5.91 6.62 -12.20
C GLN A 187 7.16 5.80 -12.46
N ASP A 188 7.23 5.17 -13.63
CA ASP A 188 8.38 4.35 -14.01
C ASP A 188 9.67 5.17 -14.04
N SER A 189 9.54 6.43 -14.42
CA SER A 189 10.69 7.34 -14.46
C SER A 189 11.19 7.58 -13.03
N PHE A 190 10.27 7.95 -12.15
CA PHE A 190 10.61 8.21 -10.75
C PHE A 190 11.25 6.99 -10.11
N LEU A 191 10.60 5.84 -10.29
CA LEU A 191 11.07 4.60 -9.70
C LEU A 191 12.49 4.29 -10.12
N LEU A 192 12.78 4.49 -11.41
CA LEU A 192 14.13 4.28 -11.91
C LEU A 192 15.12 5.14 -11.14
N ALA A 193 14.89 6.45 -11.16
CA ALA A 193 15.75 7.39 -10.44
C ALA A 193 15.79 7.08 -8.93
N PHE A 194 14.63 6.72 -8.38
CA PHE A 194 14.53 6.38 -6.96
C PHE A 194 15.48 5.24 -6.66
N GLU A 195 15.38 4.17 -7.44
CA GLU A 195 16.21 3.00 -7.24
C GLU A 195 17.70 3.32 -7.37
N HIS A 196 18.05 4.20 -8.31
CA HIS A 196 19.44 4.58 -8.53
C HIS A 196 19.99 5.47 -7.42
N TYR A 197 19.15 6.39 -6.94
CA TYR A 197 19.53 7.31 -5.88
C TYR A 197 19.98 6.57 -4.63
N ILE A 198 19.23 5.55 -4.22
CA ILE A 198 19.57 4.79 -3.02
C ILE A 198 20.84 3.98 -3.24
N ASN A 199 21.06 3.55 -4.49
CA ASN A 199 22.31 2.88 -4.85
C ASN A 199 23.46 3.84 -4.63
N TYR A 200 23.24 5.10 -4.99
CA TYR A 200 24.19 6.17 -4.75
C TYR A 200 24.38 6.37 -3.25
N ARG A 201 23.27 6.46 -2.53
CA ARG A 201 23.32 6.61 -1.08
C ARG A 201 24.16 5.49 -0.45
N LYS A 202 24.11 4.31 -1.07
CA LYS A 202 24.88 3.17 -0.60
C LYS A 202 24.49 2.79 0.83
N HIS A 203 23.20 2.53 1.03
CA HIS A 203 22.71 2.13 2.35
C HIS A 203 23.30 0.77 2.74
N HIS A 204 23.81 0.70 3.96
CA HIS A 204 24.52 -0.49 4.40
C HIS A 204 23.57 -1.60 4.87
N VAL A 205 22.31 -1.24 5.12
CA VAL A 205 21.32 -2.21 5.57
C VAL A 205 20.97 -3.19 4.45
N THR A 206 20.63 -4.41 4.83
CA THR A 206 20.28 -5.44 3.87
C THR A 206 18.83 -5.29 3.39
N HIS A 207 18.62 -5.41 2.07
CA HIS A 207 17.30 -5.32 1.46
C HIS A 207 16.59 -3.99 1.68
N PHE A 208 17.27 -2.88 1.41
CA PHE A 208 16.72 -1.56 1.68
C PHE A 208 15.64 -1.18 0.66
N TRP A 209 15.98 -1.30 -0.63
CA TRP A 209 15.06 -0.97 -1.71
C TRP A 209 13.72 -1.72 -1.62
N PRO A 210 13.77 -3.06 -1.52
CA PRO A 210 12.53 -3.82 -1.40
C PRO A 210 11.74 -3.35 -0.18
N LYS A 211 12.38 -3.44 0.98
CA LYS A 211 11.77 -3.03 2.25
C LYS A 211 11.08 -1.71 2.12
N LEU A 212 11.74 -0.77 1.45
CA LEU A 212 11.17 0.56 1.24
C LEU A 212 9.92 0.45 0.38
N LEU A 213 10.00 -0.33 -0.68
CA LEU A 213 8.88 -0.49 -1.62
C LEU A 213 7.65 -1.08 -0.93
N MET A 214 7.88 -1.93 0.05
CA MET A 214 6.78 -2.50 0.80
C MET A 214 6.01 -1.39 1.53
N LYS A 215 6.74 -0.39 2.00
CA LYS A 215 6.11 0.76 2.65
C LYS A 215 5.01 1.36 1.78
N VAL A 216 5.22 1.34 0.47
CA VAL A 216 4.23 1.86 -0.48
C VAL A 216 2.92 1.12 -0.32
N THR A 217 3.02 -0.15 0.03
CA THR A 217 1.87 -0.99 0.31
C THR A 217 1.21 -0.51 1.58
N ASP A 218 2.03 -0.34 2.60
CA ASP A 218 1.56 0.11 3.90
C ASP A 218 0.81 1.43 3.76
N LEU A 219 1.43 2.38 3.05
CA LEU A 219 0.80 3.67 2.85
C LEU A 219 -0.54 3.57 2.12
N ARG A 220 -0.56 2.82 1.01
CA ARG A 220 -1.78 2.71 0.24
C ARG A 220 -2.91 2.11 1.07
N MET A 221 -2.53 1.34 2.08
CA MET A 221 -3.51 0.74 2.99
C MET A 221 -4.01 1.74 4.03
N ILE A 222 -3.17 2.71 4.37
CA ILE A 222 -3.55 3.76 5.33
C ILE A 222 -4.61 4.66 4.73
N GLY A 223 -4.31 5.24 3.58
CA GLY A 223 -5.28 6.07 2.88
C GLY A 223 -6.62 5.37 2.74
N ALA A 224 -6.57 4.05 2.55
CA ALA A 224 -7.77 3.25 2.37
C ALA A 224 -8.60 3.15 3.65
N CYS A 225 -7.97 2.73 4.73
CA CYS A 225 -8.62 2.70 6.03
C CYS A 225 -9.10 4.10 6.41
N HIS A 226 -8.36 5.12 5.97
CA HIS A 226 -8.76 6.48 6.23
C HIS A 226 -10.05 6.83 5.52
N ALA A 227 -10.22 6.30 4.32
CA ALA A 227 -11.43 6.51 3.53
C ALA A 227 -12.64 5.92 4.25
N SER A 228 -12.46 4.74 4.83
CA SER A 228 -13.53 4.09 5.58
C SER A 228 -13.77 4.82 6.90
N ARG A 229 -12.72 5.45 7.42
CA ARG A 229 -12.83 6.26 8.63
C ARG A 229 -13.66 7.50 8.38
N PHE A 230 -13.46 8.10 7.22
CA PHE A 230 -14.19 9.31 6.86
C PHE A 230 -15.68 9.07 6.80
N LEU A 231 -16.09 7.89 6.33
CA LEU A 231 -17.50 7.54 6.29
C LEU A 231 -18.10 7.50 7.69
N HIS A 232 -17.39 6.85 8.61
CA HIS A 232 -17.84 6.77 9.99
C HIS A 232 -17.80 8.14 10.67
N MET A 233 -16.84 8.97 10.26
CA MET A 233 -16.69 10.31 10.84
C MET A 233 -17.90 11.19 10.57
N LYS A 234 -18.42 11.15 9.35
CA LYS A 234 -19.59 11.94 8.99
C LYS A 234 -20.87 11.25 9.47
N VAL A 235 -20.72 10.08 10.07
CA VAL A 235 -21.83 9.38 10.70
C VAL A 235 -21.96 9.83 12.14
N GLU A 236 -20.81 10.00 12.81
CA GLU A 236 -20.80 10.53 14.16
C GLU A 236 -20.74 12.05 14.14
N CYS A 237 -19.58 12.58 13.78
CA CYS A 237 -19.35 14.03 13.76
C CYS A 237 -20.26 14.77 12.78
N PRO A 238 -20.56 16.04 13.07
CA PRO A 238 -21.44 16.85 12.23
C PRO A 238 -20.77 17.28 10.94
N THR A 239 -21.56 17.70 9.96
CA THR A 239 -21.01 18.11 8.67
C THR A 239 -20.41 19.52 8.73
N GLU A 240 -20.76 20.26 9.77
CA GLU A 240 -20.26 21.63 9.94
C GLU A 240 -18.84 21.62 10.53
N LEU A 241 -18.52 20.54 11.24
CA LEU A 241 -17.21 20.40 11.87
C LEU A 241 -16.14 20.08 10.83
N PHE A 242 -16.56 19.87 9.59
CA PHE A 242 -15.63 19.56 8.51
C PHE A 242 -15.33 20.79 7.64
N PRO A 243 -14.04 21.10 7.46
CA PRO A 243 -13.58 22.14 6.54
C PRO A 243 -13.90 21.80 5.09
N PRO A 244 -14.21 22.82 4.28
CA PRO A 244 -14.59 22.67 2.87
C PRO A 244 -13.57 21.87 2.07
N LEU A 245 -12.32 22.30 2.08
CA LEU A 245 -11.27 21.63 1.32
C LEU A 245 -11.18 20.15 1.67
N PHE A 246 -11.20 19.85 2.96
CA PHE A 246 -11.15 18.47 3.43
C PHE A 246 -12.23 17.63 2.77
N LEU A 247 -13.47 18.10 2.86
CA LEU A 247 -14.61 17.42 2.24
C LEU A 247 -14.32 17.09 0.79
N GLU A 248 -14.09 18.13 -0.01
CA GLU A 248 -13.82 17.97 -1.42
C GLU A 248 -12.80 16.87 -1.69
N VAL A 249 -11.84 16.73 -0.79
CA VAL A 249 -10.74 15.80 -0.99
C VAL A 249 -11.13 14.33 -0.83
N PHE A 250 -12.00 14.04 0.13
CA PHE A 250 -12.36 12.65 0.41
C PHE A 250 -13.85 12.37 0.19
N GLU A 251 -14.52 13.26 -0.53
CA GLU A 251 -15.94 13.10 -0.82
C GLU A 251 -16.17 12.53 -2.21
N ASP A 252 -16.24 11.21 -2.30
CA ASP A 252 -16.48 10.53 -3.57
C ASP A 252 -15.51 11.00 -4.65
N HIS B 2 -12.55 20.35 -9.31
CA HIS B 2 -14.01 20.42 -9.33
C HIS B 2 -14.54 21.39 -8.28
N LYS B 3 -13.63 22.14 -7.66
CA LYS B 3 -14.01 23.15 -6.69
C LYS B 3 -12.77 23.92 -6.22
N ILE B 4 -12.58 23.98 -4.91
CA ILE B 4 -11.42 24.64 -4.34
C ILE B 4 -10.12 24.03 -4.88
N LEU B 5 -10.19 22.78 -5.33
CA LEU B 5 -9.04 22.11 -5.88
C LEU B 5 -8.58 22.83 -7.16
N HIS B 6 -9.54 23.16 -8.02
CA HIS B 6 -9.25 23.85 -9.28
C HIS B 6 -8.50 25.16 -9.06
N ARG B 7 -9.05 26.03 -8.20
CA ARG B 7 -8.44 27.32 -7.90
C ARG B 7 -7.06 27.15 -7.27
N LEU B 8 -6.81 25.99 -6.69
CA LEU B 8 -5.50 25.69 -6.13
C LEU B 8 -4.60 25.12 -7.21
N LEU B 9 -5.14 24.98 -8.41
CA LEU B 9 -4.36 24.53 -9.56
C LEU B 9 -4.12 25.65 -10.56
N PRO C 1 15.82 -20.07 -5.11
CA PRO C 1 15.35 -21.35 -5.65
C PRO C 1 13.83 -21.42 -5.74
N VAL C 2 13.23 -20.63 -6.62
CA VAL C 2 11.78 -20.61 -6.77
C VAL C 2 11.28 -21.70 -7.71
N GLU C 3 12.06 -22.76 -7.84
CA GLU C 3 11.72 -23.89 -8.70
C GLU C 3 10.81 -24.89 -8.01
N ARG C 4 10.97 -25.01 -6.69
CA ARG C 4 10.12 -25.88 -5.89
C ARG C 4 8.79 -25.19 -5.60
N ILE C 5 8.76 -23.88 -5.82
CA ILE C 5 7.54 -23.09 -5.63
C ILE C 5 6.70 -23.14 -6.89
N LEU C 6 7.35 -23.04 -8.04
CA LEU C 6 6.66 -23.12 -9.32
C LEU C 6 6.05 -24.50 -9.50
N GLU C 7 6.81 -25.53 -9.14
CA GLU C 7 6.31 -26.89 -9.20
C GLU C 7 5.17 -27.07 -8.21
N ALA C 8 4.97 -26.08 -7.36
CA ALA C 8 3.89 -26.11 -6.38
C ALA C 8 2.65 -25.41 -6.91
N VAL C 35 -25.71 -27.10 -3.23
CA VAL C 35 -24.68 -27.00 -2.20
C VAL C 35 -23.55 -27.98 -2.48
N THR C 36 -23.90 -29.19 -2.91
CA THR C 36 -22.92 -30.22 -3.21
C THR C 36 -22.00 -29.80 -4.35
N ASN C 37 -22.37 -28.73 -5.05
CA ASN C 37 -21.54 -28.20 -6.13
C ASN C 37 -20.54 -27.19 -5.61
N ILE C 38 -21.00 -26.17 -4.91
CA ILE C 38 -20.14 -25.10 -4.39
C ILE C 38 -19.26 -25.59 -3.23
N CYS C 39 -19.64 -26.72 -2.63
CA CYS C 39 -18.86 -27.28 -1.53
C CYS C 39 -17.74 -28.17 -2.04
N GLN C 40 -17.90 -28.69 -3.26
CA GLN C 40 -16.86 -29.49 -3.89
C GLN C 40 -15.59 -28.66 -4.03
N ALA C 41 -15.74 -27.44 -4.56
CA ALA C 41 -14.63 -26.50 -4.61
C ALA C 41 -14.40 -25.98 -3.20
N ALA C 42 -13.47 -25.04 -3.06
CA ALA C 42 -13.13 -24.52 -1.74
C ALA C 42 -12.38 -25.59 -0.95
N ASP C 43 -13.02 -26.74 -0.77
CA ASP C 43 -12.36 -27.88 -0.14
C ASP C 43 -11.24 -28.38 -1.03
N LYS C 44 -11.29 -28.00 -2.30
CA LYS C 44 -10.22 -28.31 -3.25
C LYS C 44 -9.26 -27.14 -3.36
N GLN C 45 -9.81 -25.93 -3.51
CA GLN C 45 -9.00 -24.73 -3.60
C GLN C 45 -8.14 -24.60 -2.36
N LEU C 46 -8.77 -24.74 -1.20
CA LEU C 46 -8.07 -24.64 0.08
C LEU C 46 -6.99 -25.72 0.17
N PHE C 47 -7.31 -26.90 -0.36
CA PHE C 47 -6.35 -28.00 -0.37
C PHE C 47 -5.14 -27.66 -1.24
N THR C 48 -5.42 -27.09 -2.41
CA THR C 48 -4.36 -26.70 -3.34
C THR C 48 -3.51 -25.55 -2.81
N LEU C 49 -4.14 -24.66 -2.04
CA LEU C 49 -3.43 -23.54 -1.44
C LEU C 49 -2.52 -24.02 -0.32
N VAL C 50 -3.06 -24.86 0.56
CA VAL C 50 -2.29 -25.41 1.67
C VAL C 50 -1.09 -26.19 1.15
N GLU C 51 -1.32 -27.11 0.22
CA GLU C 51 -0.24 -27.90 -0.36
C GLU C 51 0.77 -27.03 -1.10
N TRP C 52 0.30 -25.90 -1.63
CA TRP C 52 1.18 -24.94 -2.28
C TRP C 52 2.12 -24.31 -1.27
N ALA C 53 1.56 -23.92 -0.13
CA ALA C 53 2.32 -23.31 0.95
C ALA C 53 3.33 -24.29 1.56
N LYS C 54 2.91 -25.55 1.71
CA LYS C 54 3.79 -26.57 2.26
C LYS C 54 5.01 -26.77 1.38
N ARG C 55 4.83 -26.56 0.08
CA ARG C 55 5.91 -26.72 -0.89
C ARG C 55 6.76 -25.45 -0.98
N ILE C 56 6.48 -24.51 -0.09
CA ILE C 56 7.21 -23.25 -0.03
C ILE C 56 8.37 -23.36 0.96
N PRO C 57 9.55 -22.91 0.54
CA PRO C 57 10.79 -23.02 1.33
C PRO C 57 10.66 -22.52 2.77
N HIS C 58 10.95 -23.41 3.70
CA HIS C 58 11.07 -23.09 5.13
C HIS C 58 9.74 -22.90 5.84
N PHE C 59 8.65 -22.92 5.09
CA PHE C 59 7.33 -22.70 5.68
C PHE C 59 6.93 -23.82 6.63
N SER C 60 7.11 -25.07 6.20
CA SER C 60 6.74 -26.22 7.01
C SER C 60 7.62 -26.33 8.25
N GLU C 61 8.62 -25.45 8.35
CA GLU C 61 9.55 -25.48 9.47
C GLU C 61 9.08 -24.57 10.61
N LEU C 62 8.16 -23.66 10.30
CA LEU C 62 7.62 -22.74 11.31
C LEU C 62 6.72 -23.49 12.28
N PRO C 63 6.57 -22.95 13.50
CA PRO C 63 5.68 -23.57 14.50
C PRO C 63 4.32 -23.79 13.87
N LEU C 64 3.62 -24.84 14.26
CA LEU C 64 2.31 -25.12 13.69
C LEU C 64 1.43 -23.87 13.71
N ASP C 65 1.35 -23.23 14.88
CA ASP C 65 0.49 -22.07 15.04
C ASP C 65 0.85 -20.94 14.08
N ASP C 66 2.14 -20.72 13.91
CA ASP C 66 2.60 -19.64 13.04
C ASP C 66 2.26 -19.89 11.57
N GLN C 67 2.15 -21.15 11.19
CA GLN C 67 1.81 -21.46 9.80
C GLN C 67 0.35 -21.16 9.50
N VAL C 68 -0.55 -21.61 10.37
CA VAL C 68 -1.98 -21.42 10.16
C VAL C 68 -2.36 -19.96 10.21
N ILE C 69 -1.67 -19.21 11.07
CA ILE C 69 -1.96 -17.81 11.24
C ILE C 69 -1.62 -17.06 9.95
N LEU C 70 -0.50 -17.43 9.35
CA LEU C 70 -0.09 -16.85 8.06
C LEU C 70 -1.11 -17.16 6.98
N LEU C 71 -1.33 -18.46 6.75
CA LEU C 71 -2.32 -18.89 5.78
C LEU C 71 -3.62 -18.12 5.95
N ARG C 72 -4.19 -18.16 7.15
CA ARG C 72 -5.51 -17.56 7.37
C ARG C 72 -5.47 -16.05 7.25
N ALA C 73 -4.28 -15.47 7.28
CA ALA C 73 -4.12 -14.03 7.19
C ALA C 73 -3.85 -13.57 5.76
N GLY C 74 -3.60 -14.52 4.87
CA GLY C 74 -3.21 -14.17 3.51
C GLY C 74 -4.06 -14.77 2.41
N TRP C 75 -4.62 -15.96 2.65
CA TRP C 75 -5.37 -16.69 1.63
C TRP C 75 -6.21 -15.79 0.74
N ASN C 76 -6.81 -14.76 1.33
CA ASN C 76 -7.59 -13.79 0.54
C ASN C 76 -6.79 -13.28 -0.65
N GLU C 77 -5.66 -12.66 -0.37
CA GLU C 77 -4.81 -12.09 -1.41
C GLU C 77 -4.17 -13.17 -2.28
N LEU C 78 -3.75 -14.27 -1.65
CA LEU C 78 -3.16 -15.38 -2.39
C LEU C 78 -4.09 -15.87 -3.49
N LEU C 79 -5.32 -16.17 -3.11
CA LEU C 79 -6.34 -16.65 -4.05
C LEU C 79 -6.53 -15.65 -5.18
N ILE C 80 -6.63 -14.38 -4.80
CA ILE C 80 -6.85 -13.30 -5.75
C ILE C 80 -5.64 -13.10 -6.67
N ALA C 81 -4.45 -13.38 -6.15
CA ALA C 81 -3.24 -13.28 -6.94
C ALA C 81 -3.22 -14.40 -7.97
N SER C 82 -3.79 -15.54 -7.59
CA SER C 82 -3.84 -16.69 -8.49
C SER C 82 -4.68 -16.38 -9.73
N PHE C 83 -5.99 -16.32 -9.56
CA PHE C 83 -6.88 -16.17 -10.69
C PHE C 83 -6.67 -14.87 -11.46
N SER C 84 -6.05 -13.87 -10.82
CA SER C 84 -5.78 -12.61 -11.49
C SER C 84 -4.73 -12.78 -12.57
N HIS C 85 -3.81 -13.70 -12.32
CA HIS C 85 -2.76 -14.00 -13.28
C HIS C 85 -3.28 -14.96 -14.33
N ARG C 86 -4.20 -15.83 -13.91
CA ARG C 86 -4.82 -16.81 -14.79
C ARG C 86 -5.77 -16.14 -15.77
N SER C 87 -6.31 -15.00 -15.37
CA SER C 87 -7.25 -14.27 -16.21
C SER C 87 -6.55 -13.34 -17.19
N ILE C 88 -5.24 -13.49 -17.31
CA ILE C 88 -4.47 -12.71 -18.27
C ILE C 88 -4.79 -13.15 -19.70
N ALA C 89 -5.32 -14.36 -19.85
CA ALA C 89 -5.68 -14.88 -21.16
C ALA C 89 -7.15 -14.63 -21.48
N VAL C 90 -7.76 -13.70 -20.75
CA VAL C 90 -9.17 -13.38 -20.95
C VAL C 90 -9.39 -11.87 -20.91
N LYS C 91 -10.21 -11.36 -21.82
CA LYS C 91 -10.48 -9.93 -21.88
C LYS C 91 -11.78 -9.58 -21.15
N ASP C 92 -11.65 -8.73 -20.14
CA ASP C 92 -12.81 -8.29 -19.37
C ASP C 92 -13.55 -9.48 -18.75
N GLY C 93 -12.79 -10.39 -18.16
CA GLY C 93 -13.35 -11.56 -17.53
C GLY C 93 -12.36 -12.22 -16.60
N ILE C 94 -12.86 -13.11 -15.75
CA ILE C 94 -11.99 -13.82 -14.81
C ILE C 94 -12.24 -15.32 -14.89
N LEU C 95 -11.15 -16.09 -14.94
CA LEU C 95 -11.25 -17.54 -14.93
C LEU C 95 -10.97 -18.05 -13.52
N LEU C 96 -11.92 -18.83 -12.99
CA LEU C 96 -11.79 -19.36 -11.63
C LEU C 96 -11.56 -20.87 -11.64
N ALA C 97 -11.48 -21.44 -10.44
CA ALA C 97 -11.20 -22.87 -10.27
C ALA C 97 -11.98 -23.78 -11.23
N THR C 98 -13.30 -23.72 -11.15
CA THR C 98 -14.15 -24.60 -11.97
C THR C 98 -14.18 -24.14 -13.43
N GLY C 99 -13.16 -23.40 -13.83
CA GLY C 99 -13.07 -22.88 -15.19
C GLY C 99 -14.24 -21.95 -15.49
N LEU C 100 -15.08 -21.73 -14.49
CA LEU C 100 -16.25 -20.87 -14.66
C LEU C 100 -15.83 -19.45 -14.98
N HIS C 101 -15.72 -19.16 -16.28
CA HIS C 101 -15.37 -17.82 -16.71
C HIS C 101 -16.41 -16.83 -16.23
N VAL C 102 -15.96 -15.74 -15.63
CA VAL C 102 -16.86 -14.72 -15.13
C VAL C 102 -16.70 -13.40 -15.88
N HIS C 103 -17.77 -13.01 -16.57
CA HIS C 103 -17.78 -11.76 -17.33
C HIS C 103 -18.22 -10.59 -16.44
N ARG C 104 -17.71 -9.41 -16.74
CA ARG C 104 -17.97 -8.24 -15.90
C ARG C 104 -19.45 -7.85 -15.87
N ASN C 105 -20.22 -8.43 -16.78
CA ASN C 105 -21.65 -8.15 -16.85
C ASN C 105 -22.40 -8.70 -15.65
N SER C 106 -21.97 -9.87 -15.18
CA SER C 106 -22.56 -10.48 -14.00
C SER C 106 -22.19 -9.69 -12.74
N ALA C 107 -20.94 -9.24 -12.69
CA ALA C 107 -20.42 -8.55 -11.51
C ALA C 107 -21.16 -7.25 -11.23
N HIS C 108 -21.21 -6.38 -12.24
CA HIS C 108 -21.93 -5.13 -12.12
C HIS C 108 -23.39 -5.41 -11.77
N SER C 109 -23.91 -6.51 -12.29
CA SER C 109 -25.29 -6.90 -12.01
C SER C 109 -25.43 -7.44 -10.59
N ALA C 110 -24.33 -7.90 -10.02
CA ALA C 110 -24.34 -8.43 -8.65
C ALA C 110 -23.93 -7.35 -7.64
N GLY C 111 -23.63 -6.16 -8.14
CA GLY C 111 -23.28 -5.04 -7.29
C GLY C 111 -21.81 -5.02 -6.90
N VAL C 112 -21.00 -5.77 -7.64
CA VAL C 112 -19.59 -5.87 -7.35
C VAL C 112 -18.77 -5.48 -8.57
N GLY C 113 -19.35 -4.63 -9.40
CA GLY C 113 -18.69 -4.17 -10.59
C GLY C 113 -17.43 -3.41 -10.23
N ALA C 114 -17.57 -2.44 -9.33
CA ALA C 114 -16.46 -1.63 -8.89
C ALA C 114 -15.27 -2.51 -8.55
N ILE C 115 -15.47 -3.35 -7.54
CA ILE C 115 -14.42 -4.24 -7.09
C ILE C 115 -13.91 -5.14 -8.20
N PHE C 116 -14.82 -5.56 -9.08
CA PHE C 116 -14.44 -6.44 -10.17
C PHE C 116 -13.48 -5.72 -11.11
N ASP C 117 -13.83 -4.49 -11.48
CA ASP C 117 -13.02 -3.70 -12.40
C ASP C 117 -11.60 -3.49 -11.87
N ARG C 118 -11.49 -3.15 -10.58
CA ARG C 118 -10.19 -2.98 -9.96
C ARG C 118 -9.29 -4.16 -10.26
N VAL C 119 -9.83 -5.37 -10.12
CA VAL C 119 -9.05 -6.58 -10.36
C VAL C 119 -8.53 -6.62 -11.78
N LEU C 120 -9.35 -6.19 -12.73
CA LEU C 120 -8.97 -6.22 -14.13
C LEU C 120 -7.89 -5.18 -14.44
N THR C 121 -8.12 -3.94 -14.01
CA THR C 121 -7.23 -2.84 -14.31
C THR C 121 -5.96 -2.83 -13.45
N GLU C 122 -6.15 -2.86 -12.14
CA GLU C 122 -5.02 -2.80 -11.21
C GLU C 122 -4.17 -4.07 -11.20
N LEU C 123 -4.76 -5.19 -11.57
CA LEU C 123 -4.05 -6.46 -11.52
C LEU C 123 -3.91 -7.14 -12.87
N VAL C 124 -4.99 -7.76 -13.32
CA VAL C 124 -5.02 -8.53 -14.56
C VAL C 124 -4.39 -7.77 -15.71
N SER C 125 -4.70 -6.48 -15.77
CA SER C 125 -4.13 -5.60 -16.78
C SER C 125 -2.62 -5.47 -16.57
N LYS C 126 -2.23 -5.05 -15.37
CA LYS C 126 -0.83 -4.83 -15.05
C LYS C 126 0.00 -6.09 -15.22
N MET C 127 -0.59 -7.23 -14.87
CA MET C 127 0.09 -8.52 -15.01
C MET C 127 0.35 -8.86 -16.48
N ARG C 128 -0.61 -8.56 -17.33
CA ARG C 128 -0.48 -8.83 -18.76
C ARG C 128 0.54 -7.91 -19.43
N ASP C 129 0.43 -6.62 -19.15
CA ASP C 129 1.26 -5.62 -19.80
C ASP C 129 2.75 -5.75 -19.48
N MET C 130 3.07 -6.46 -18.40
CA MET C 130 4.47 -6.66 -18.01
C MET C 130 4.93 -8.07 -18.32
N GLN C 131 3.98 -8.90 -18.77
CA GLN C 131 4.22 -10.30 -19.06
C GLN C 131 4.77 -11.03 -17.83
N MET C 132 4.19 -10.72 -16.68
CA MET C 132 4.58 -11.37 -15.44
C MET C 132 4.48 -12.88 -15.60
N ASP C 133 5.59 -13.56 -15.38
CA ASP C 133 5.62 -15.00 -15.53
C ASP C 133 5.23 -15.72 -14.24
N LYS C 134 5.01 -17.02 -14.33
CA LYS C 134 4.59 -17.82 -13.19
C LYS C 134 5.60 -17.76 -12.06
N THR C 135 6.87 -17.65 -12.42
CA THR C 135 7.93 -17.52 -11.42
C THR C 135 7.69 -16.28 -10.56
N GLU C 136 7.53 -15.12 -11.20
CA GLU C 136 7.28 -13.87 -10.50
C GLU C 136 5.98 -13.92 -9.68
N LEU C 137 4.96 -14.56 -10.24
CA LEU C 137 3.70 -14.70 -9.52
C LEU C 137 3.90 -15.52 -8.25
N GLY C 138 4.55 -16.67 -8.39
CA GLY C 138 4.85 -17.54 -7.27
C GLY C 138 5.59 -16.85 -6.13
N CYS C 139 6.65 -16.10 -6.46
CA CYS C 139 7.40 -15.36 -5.46
C CYS C 139 6.55 -14.29 -4.80
N LEU C 140 5.80 -13.57 -5.62
CA LEU C 140 4.93 -12.53 -5.10
C LEU C 140 3.95 -13.14 -4.10
N ARG C 141 3.42 -14.31 -4.44
CA ARG C 141 2.53 -15.01 -3.52
C ARG C 141 3.27 -15.55 -2.30
N ALA C 142 4.56 -15.84 -2.45
CA ALA C 142 5.39 -16.30 -1.35
C ALA C 142 5.66 -15.16 -0.37
N ILE C 143 5.91 -13.97 -0.90
CA ILE C 143 6.08 -12.79 -0.08
C ILE C 143 4.83 -12.59 0.76
N VAL C 144 3.69 -12.54 0.07
CA VAL C 144 2.40 -12.36 0.72
C VAL C 144 2.27 -13.26 1.93
N LEU C 145 2.50 -14.55 1.73
CA LEU C 145 2.34 -15.54 2.78
C LEU C 145 3.19 -15.19 3.99
N PHE C 146 4.46 -14.88 3.75
CA PHE C 146 5.39 -14.54 4.81
C PHE C 146 5.20 -13.12 5.28
N ASN C 147 3.97 -12.80 5.68
CA ASN C 147 3.65 -11.46 6.14
C ASN C 147 3.90 -11.34 7.65
N PRO C 148 5.03 -10.72 8.02
CA PRO C 148 5.50 -10.67 9.41
C PRO C 148 4.63 -9.77 10.27
N ASP C 149 3.78 -8.98 9.64
CA ASP C 149 2.93 -8.04 10.37
C ASP C 149 1.72 -8.76 10.98
N SER C 150 1.39 -9.93 10.46
CA SER C 150 0.28 -10.74 10.95
C SER C 150 0.30 -10.85 12.47
N LYS C 151 -0.84 -10.57 13.10
CA LYS C 151 -0.91 -10.52 14.55
C LYS C 151 -0.96 -11.90 15.19
N GLY C 152 -0.21 -12.07 16.27
CA GLY C 152 -0.31 -13.27 17.10
C GLY C 152 0.80 -14.28 16.92
N LEU C 153 1.47 -14.27 15.77
CA LEU C 153 2.50 -15.27 15.51
C LEU C 153 3.67 -15.15 16.48
N SER C 154 4.21 -16.30 16.86
CA SER C 154 5.20 -16.42 17.92
C SER C 154 6.48 -15.66 17.63
N ASN C 155 6.99 -15.80 16.42
CA ASN C 155 8.23 -15.11 16.06
C ASN C 155 8.19 -14.41 14.72
N PRO C 156 8.00 -13.08 14.77
CA PRO C 156 7.96 -12.22 13.59
C PRO C 156 9.33 -12.09 12.93
N ALA C 157 10.37 -11.84 13.72
CA ALA C 157 11.71 -11.66 13.20
C ALA C 157 12.07 -12.79 12.23
N GLU C 158 11.64 -14.00 12.58
CA GLU C 158 11.93 -15.19 11.78
C GLU C 158 11.16 -15.14 10.46
N VAL C 159 9.91 -14.69 10.52
CA VAL C 159 9.05 -14.60 9.35
C VAL C 159 9.52 -13.55 8.35
N GLU C 160 9.86 -12.36 8.86
CA GLU C 160 10.33 -11.29 7.99
C GLU C 160 11.68 -11.66 7.40
N ALA C 161 12.43 -12.47 8.14
CA ALA C 161 13.66 -13.05 7.63
C ALA C 161 13.32 -13.79 6.36
N LEU C 162 12.41 -14.77 6.48
CA LEU C 162 12.01 -15.60 5.34
C LEU C 162 11.53 -14.76 4.16
N ARG C 163 10.77 -13.72 4.44
CA ARG C 163 10.28 -12.87 3.36
C ARG C 163 11.46 -12.23 2.66
N GLU C 164 12.42 -11.75 3.45
CA GLU C 164 13.63 -11.15 2.89
C GLU C 164 14.27 -12.12 1.92
N LYS C 165 14.57 -13.32 2.41
CA LYS C 165 15.16 -14.35 1.56
C LYS C 165 14.32 -14.59 0.32
N VAL C 166 13.01 -14.36 0.42
CA VAL C 166 12.12 -14.59 -0.71
C VAL C 166 12.29 -13.57 -1.83
N TYR C 167 12.20 -12.28 -1.50
CA TYR C 167 12.38 -11.28 -2.55
C TYR C 167 13.86 -10.98 -2.78
N ALA C 168 14.72 -11.71 -2.06
CA ALA C 168 16.14 -11.73 -2.37
C ALA C 168 16.30 -12.48 -3.68
N SER C 169 15.74 -13.69 -3.74
CA SER C 169 15.80 -14.51 -4.93
C SER C 169 15.15 -13.79 -6.12
N LEU C 170 14.02 -13.13 -5.84
CA LEU C 170 13.22 -12.48 -6.86
C LEU C 170 13.99 -11.40 -7.60
N GLU C 171 14.82 -10.67 -6.87
CA GLU C 171 15.60 -9.59 -7.46
C GLU C 171 16.66 -10.15 -8.41
N ALA C 172 17.29 -11.26 -8.00
CA ALA C 172 18.30 -11.92 -8.81
C ALA C 172 17.70 -12.55 -10.06
N TYR C 173 16.52 -13.12 -9.90
CA TYR C 173 15.79 -13.70 -11.02
C TYR C 173 15.53 -12.62 -12.08
N CYS C 174 15.06 -11.46 -11.64
CA CYS C 174 14.74 -10.35 -12.54
C CYS C 174 15.99 -9.74 -13.17
N LYS C 175 17.12 -9.88 -12.48
CA LYS C 175 18.38 -9.32 -12.96
C LYS C 175 18.96 -10.20 -14.06
N HIS C 176 18.75 -11.50 -13.95
CA HIS C 176 19.28 -12.43 -14.92
C HIS C 176 18.28 -12.71 -16.04
N LYS C 177 17.03 -12.95 -15.67
CA LYS C 177 15.98 -13.30 -16.63
C LYS C 177 15.63 -12.12 -17.54
N TYR C 178 15.59 -10.92 -16.96
CA TYR C 178 15.27 -9.72 -17.73
C TYR C 178 16.25 -8.60 -17.40
N PRO C 179 17.47 -8.71 -17.92
CA PRO C 179 18.53 -7.72 -17.65
C PRO C 179 18.32 -6.42 -18.44
N GLU C 180 17.54 -6.48 -19.52
CA GLU C 180 17.27 -5.29 -20.32
C GLU C 180 16.26 -4.38 -19.64
N GLN C 181 15.68 -4.86 -18.55
CA GLN C 181 14.74 -4.07 -17.78
C GLN C 181 15.03 -4.19 -16.29
N PRO C 182 15.62 -3.12 -15.73
CA PRO C 182 16.05 -3.05 -14.33
C PRO C 182 14.90 -2.78 -13.35
N GLY C 183 13.90 -2.02 -13.81
CA GLY C 183 12.80 -1.64 -12.95
C GLY C 183 11.74 -2.72 -12.84
N ARG C 184 11.95 -3.84 -13.51
CA ARG C 184 11.00 -4.94 -13.45
C ARG C 184 10.79 -5.42 -12.03
N PHE C 185 11.89 -5.75 -11.34
CA PHE C 185 11.82 -6.23 -9.97
C PHE C 185 10.95 -5.29 -9.13
N ALA C 186 11.30 -4.02 -9.16
CA ALA C 186 10.57 -2.99 -8.44
C ALA C 186 9.07 -3.01 -8.74
N LYS C 187 8.72 -2.99 -10.02
CA LYS C 187 7.30 -2.95 -10.42
C LYS C 187 6.57 -4.17 -9.91
N LEU C 188 7.27 -5.30 -9.86
CA LEU C 188 6.67 -6.54 -9.38
C LEU C 188 6.12 -6.39 -7.97
N LEU C 189 6.83 -5.65 -7.13
CA LEU C 189 6.37 -5.44 -5.78
C LEU C 189 5.21 -4.45 -5.73
N LEU C 190 5.23 -3.45 -6.60
CA LEU C 190 4.23 -2.38 -6.55
C LEU C 190 2.81 -2.82 -6.92
N ARG C 191 2.66 -4.10 -7.23
CA ARG C 191 1.34 -4.66 -7.48
C ARG C 191 0.73 -5.20 -6.20
N LEU C 192 1.57 -5.45 -5.21
CA LEU C 192 1.13 -5.93 -3.90
C LEU C 192 0.22 -4.95 -3.20
N PRO C 193 0.57 -3.65 -3.23
CA PRO C 193 -0.31 -2.62 -2.69
C PRO C 193 -1.72 -2.75 -3.27
N ALA C 194 -1.83 -2.64 -4.60
CA ALA C 194 -3.12 -2.79 -5.26
C ALA C 194 -3.78 -4.07 -4.76
N LEU C 195 -3.03 -5.17 -4.83
CA LEU C 195 -3.47 -6.47 -4.36
C LEU C 195 -3.99 -6.42 -2.92
N ARG C 196 -3.30 -5.67 -2.08
CA ARG C 196 -3.71 -5.53 -0.70
C ARG C 196 -5.09 -4.92 -0.59
N SER C 197 -5.21 -3.65 -0.99
CA SER C 197 -6.47 -2.92 -0.83
C SER C 197 -7.64 -3.66 -1.46
N ILE C 198 -7.39 -4.33 -2.58
CA ILE C 198 -8.41 -5.11 -3.22
C ILE C 198 -8.78 -6.28 -2.32
N GLY C 199 -7.76 -6.88 -1.71
CA GLY C 199 -7.98 -7.91 -0.71
C GLY C 199 -9.01 -7.44 0.30
N LEU C 200 -8.79 -6.26 0.85
CA LEU C 200 -9.67 -5.68 1.87
C LEU C 200 -11.12 -5.58 1.40
N LYS C 201 -11.34 -5.04 0.21
CA LYS C 201 -12.69 -4.91 -0.29
C LYS C 201 -13.37 -6.28 -0.33
N CYS C 202 -12.64 -7.30 -0.80
CA CYS C 202 -13.21 -8.64 -0.86
C CYS C 202 -13.61 -9.15 0.52
N LEU C 203 -12.78 -8.87 1.52
CA LEU C 203 -13.07 -9.28 2.89
C LEU C 203 -14.34 -8.63 3.39
N GLU C 204 -14.47 -7.31 3.19
CA GLU C 204 -15.68 -6.59 3.57
C GLU C 204 -16.92 -7.09 2.81
N HIS C 205 -16.74 -7.44 1.54
CA HIS C 205 -17.85 -7.93 0.70
C HIS C 205 -18.40 -9.27 1.20
N LEU C 206 -17.50 -10.23 1.35
CA LEU C 206 -17.86 -11.59 1.74
C LEU C 206 -17.87 -11.77 3.26
N PHE C 207 -18.84 -12.54 3.75
CA PHE C 207 -18.96 -12.82 5.18
C PHE C 207 -19.25 -14.30 5.44
N PHE C 208 -20.31 -14.55 6.22
CA PHE C 208 -20.73 -15.92 6.54
C PHE C 208 -19.69 -16.68 7.35
N PHE C 209 -18.60 -17.06 6.70
CA PHE C 209 -17.53 -17.81 7.34
C PHE C 209 -17.11 -17.18 8.66
N LYS C 210 -16.87 -15.87 8.61
CA LYS C 210 -16.43 -15.12 9.79
C LYS C 210 -17.49 -15.17 10.89
N LEU C 211 -18.75 -15.16 10.49
CA LEU C 211 -19.86 -15.16 11.45
C LEU C 211 -19.92 -16.46 12.24
N ILE C 212 -19.11 -17.44 11.83
CA ILE C 212 -19.07 -18.73 12.50
C ILE C 212 -18.18 -18.70 13.74
N GLY C 213 -18.04 -17.51 14.32
CA GLY C 213 -17.23 -17.33 15.52
C GLY C 213 -15.75 -17.60 15.26
N ASP C 214 -14.94 -17.44 16.30
CA ASP C 214 -13.48 -17.62 16.19
C ASP C 214 -13.07 -19.09 16.20
N THR C 215 -11.87 -19.36 15.69
CA THR C 215 -11.34 -20.72 15.57
C THR C 215 -12.33 -21.69 14.91
N PRO C 216 -12.93 -21.29 13.78
CA PRO C 216 -13.86 -22.20 13.08
C PRO C 216 -13.08 -23.15 12.18
N ILE C 217 -11.86 -22.76 11.84
CA ILE C 217 -11.01 -23.56 10.97
C ILE C 217 -9.59 -23.62 11.54
N ASP C 218 -9.19 -24.80 11.98
CA ASP C 218 -7.87 -25.00 12.57
C ASP C 218 -7.56 -26.48 12.56
N THR C 219 -8.60 -27.30 12.69
CA THR C 219 -8.45 -28.74 12.64
C THR C 219 -7.77 -29.15 11.33
N PHE C 220 -8.42 -28.85 10.21
CA PHE C 220 -7.85 -29.16 8.90
C PHE C 220 -6.42 -28.64 8.78
N LEU C 221 -6.24 -27.36 9.04
CA LEU C 221 -4.93 -26.75 8.95
C LEU C 221 -3.92 -27.52 9.79
N MET C 222 -4.39 -28.09 10.89
CA MET C 222 -3.55 -28.91 11.77
C MET C 222 -3.28 -30.27 11.14
N GLU C 223 -4.24 -30.76 10.36
CA GLU C 223 -4.09 -32.05 9.69
C GLU C 223 -3.16 -31.96 8.49
N MET C 224 -3.45 -31.02 7.58
CA MET C 224 -2.62 -30.80 6.42
C MET C 224 -1.18 -30.52 6.85
N LEU C 225 -1.03 -30.09 8.10
CA LEU C 225 0.29 -29.80 8.66
C LEU C 225 1.10 -31.07 8.85
C1 T3 D . -1.00 16.10 8.45
C2 T3 D . -5.10 13.70 10.21
C3 T3 D . -2.03 16.80 9.08
C4 T3 D . -6.15 13.64 11.10
C5 T3 D . -3.00 16.13 9.84
C6 T3 D . -7.43 13.38 10.65
C7 T3 D . -2.92 14.65 9.95
C8 T3 D . -7.66 13.17 9.20
C9 T3 D . -1.82 13.94 9.26
C10 T3 D . -6.57 13.24 8.34
C11 T3 D . -0.89 14.70 8.53
C12 T3 D . -5.30 13.50 8.84
C13 T3 D . 0.03 16.87 7.63
CA T3 D . 1.44 16.31 7.86
C T3 D . 2.47 17.05 7.04
I1 T3 D . -4.55 17.14 10.81
I2 T3 D . -9.02 13.30 11.99
I3 T3 D . -1.69 11.86 9.42
N T3 D . 1.78 16.40 9.27
O1 T3 D . -8.90 12.91 8.72
O2 T3 D . -3.84 13.95 10.69
OXT T3 D . 2.27 17.19 5.81
O T3 D . 3.49 17.49 7.61
#